data_8C30
#
_entry.id   8C30
#
_cell.length_a   82.142
_cell.length_b   111.969
_cell.length_c   62.477
_cell.angle_alpha   90.000
_cell.angle_beta   90.000
_cell.angle_gamma   90.000
#
_symmetry.space_group_name_H-M   'C 2 2 21'
#
loop_
_entity.id
_entity.type
_entity.pdbx_description
1 polymer '14-3-3 protein sigma'
2 polymer Pyrin
3 non-polymer N-[3-(aminomethyl)phenyl]acetamide
4 non-polymer 3,6,9,12,15,18,21,24-OCTAOXAHEXACOSAN-1-OL
5 non-polymer 'MAGNESIUM ION'
6 non-polymer 'CALCIUM ION'
7 water water
#
loop_
_entity_poly.entity_id
_entity_poly.type
_entity_poly.pdbx_seq_one_letter_code
_entity_poly.pdbx_strand_id
1 'polypeptide(L)'
;GAMGSMERASLIQKAKLAEQAERYEDMAAFMKGAVEKGEELS(CSO)EERNLLSVAYKNVVGGQRAAWRVLSSIEQKSNE
EGSEEKGPEVREYREKVETELQGVCDTVLGLLDSHLIKEAGDAESRVFYLKMKGDYYRYLAEVATGDDKKRIIDSARSAY
QEAMDISKKEMPPTNPIRLGLALNFSVFHYEIANSPEEAISLAKTTFDEAMADLHTLSEDSYKDSTLIMQLLRDNLTLWT
;
AAA
2 'polypeptide(L)' KMRPR(SEP)LEVTIS PPP
#
loop_
_chem_comp.id
_chem_comp.type
_chem_comp.name
_chem_comp.formula
463 non-polymer N-[3-(aminomethyl)phenyl]acetamide 'C9 H12 N2 O'
CA non-polymer 'CALCIUM ION' 'Ca 2'
MG non-polymer 'MAGNESIUM ION' 'Mg 2'
PE5 non-polymer 3,6,9,12,15,18,21,24-OCTAOXAHEXACOSAN-1-OL 'C18 H38 O9'
#
# COMPACT_ATOMS: atom_id res chain seq x y z
N GLY A 1 19.70 -11.56 9.52
CA GLY A 1 19.40 -11.29 8.07
C GLY A 1 20.62 -11.53 7.19
N ALA A 2 20.36 -12.08 5.99
CA ALA A 2 21.36 -12.34 4.94
C ALA A 2 21.97 -11.02 4.46
N MET A 3 21.34 -9.85 4.71
CA MET A 3 21.92 -8.55 4.31
C MET A 3 22.70 -7.91 5.46
N GLY A 4 22.86 -8.53 6.62
CA GLY A 4 23.58 -7.95 7.76
C GLY A 4 24.97 -7.49 7.44
N SER A 5 25.66 -8.21 6.54
CA SER A 5 27.07 -7.91 6.26
C SER A 5 27.24 -6.84 5.20
N MET A 6 26.19 -6.39 4.55
CA MET A 6 26.30 -5.39 3.49
C MET A 6 26.11 -3.98 4.00
N GLU A 7 26.93 -3.06 3.55
CA GLU A 7 26.77 -1.63 3.92
C GLU A 7 25.38 -1.11 3.58
N ARG A 8 24.85 -0.22 4.42
CA ARG A 8 23.58 0.45 4.13
C ARG A 8 23.62 1.07 2.73
N ALA A 9 24.64 1.83 2.40
CA ALA A 9 24.65 2.57 1.12
C ALA A 9 24.65 1.59 -0.05
N SER A 10 25.33 0.45 0.11
CA SER A 10 25.41 -0.60 -0.95
C SER A 10 24.05 -1.27 -1.10
N LEU A 11 23.29 -1.43 -0.04
CA LEU A 11 21.94 -2.02 -0.14
C LEU A 11 21.04 -1.05 -0.88
N ILE A 12 21.13 0.25 -0.62
CA ILE A 12 20.30 1.24 -1.32
C ILE A 12 20.68 1.27 -2.79
N GLN A 13 21.99 1.25 -3.08
CA GLN A 13 22.47 1.26 -4.48
C GLN A 13 21.91 0.04 -5.21
N LYS A 14 22.02 -1.13 -4.58
CA LYS A 14 21.52 -2.37 -5.19
C LYS A 14 20.01 -2.39 -5.29
N ALA A 15 19.27 -1.81 -4.37
CA ALA A 15 17.81 -1.67 -4.52
C ALA A 15 17.50 -0.88 -5.80
N LYS A 16 18.25 0.18 -6.08
CA LYS A 16 17.97 0.99 -7.30
C LYS A 16 18.32 0.16 -8.53
N LEU A 17 19.38 -0.63 -8.50
CA LEU A 17 19.73 -1.48 -9.66
C LEU A 17 18.65 -2.56 -9.86
N ALA A 18 18.20 -3.16 -8.77
CA ALA A 18 17.16 -4.19 -8.83
C ALA A 18 15.90 -3.58 -9.44
N GLU A 19 15.55 -2.34 -9.10
N GLU A 19 15.52 -2.37 -9.06
CA GLU A 19 14.36 -1.70 -9.71
CA GLU A 19 14.37 -1.67 -9.70
C GLU A 19 14.55 -1.52 -11.23
C GLU A 19 14.58 -1.66 -11.23
N GLN A 20 15.75 -1.18 -11.67
CA GLN A 20 16.03 -1.02 -13.12
C GLN A 20 15.88 -2.37 -13.79
N ALA A 21 16.30 -3.42 -13.16
CA ALA A 21 16.30 -4.80 -13.68
C ALA A 21 14.93 -5.46 -13.50
N GLU A 22 13.97 -4.79 -12.87
CA GLU A 22 12.64 -5.38 -12.55
C GLU A 22 12.79 -6.67 -11.75
N ARG A 23 13.71 -6.61 -10.81
CA ARG A 23 13.99 -7.70 -9.88
C ARG A 23 13.41 -7.30 -8.51
N TYR A 24 12.12 -7.35 -8.35
CA TYR A 24 11.46 -6.72 -7.17
C TYR A 24 11.66 -7.50 -5.89
N GLU A 25 11.75 -8.83 -5.95
N GLU A 25 11.76 -8.83 -5.96
CA GLU A 25 12.05 -9.63 -4.76
CA GLU A 25 12.05 -9.66 -4.78
C GLU A 25 13.43 -9.23 -4.25
C GLU A 25 13.43 -9.27 -4.25
N ASP A 26 14.42 -9.13 -5.13
CA ASP A 26 15.74 -8.67 -4.70
C ASP A 26 15.62 -7.26 -4.13
N MET A 27 14.90 -6.39 -4.79
CA MET A 27 14.78 -4.98 -4.35
C MET A 27 14.19 -4.97 -2.93
N ALA A 28 13.19 -5.77 -2.64
CA ALA A 28 12.59 -5.81 -1.33
C ALA A 28 13.59 -6.32 -0.32
N ALA A 29 14.31 -7.39 -0.64
CA ALA A 29 15.32 -7.92 0.30
C ALA A 29 16.40 -6.87 0.60
N PHE A 30 16.86 -6.12 -0.36
CA PHE A 30 17.84 -5.06 -0.16
C PHE A 30 17.24 -4.00 0.78
N MET A 31 16.01 -3.57 0.50
CA MET A 31 15.43 -2.50 1.31
C MET A 31 15.09 -3.00 2.71
N LYS A 32 14.71 -4.25 2.91
CA LYS A 32 14.56 -4.80 4.25
C LYS A 32 15.88 -4.73 4.98
N GLY A 33 16.97 -5.13 4.33
CA GLY A 33 18.29 -5.04 4.94
C GLY A 33 18.60 -3.61 5.28
N ALA A 34 18.30 -2.64 4.44
CA ALA A 34 18.57 -1.23 4.75
C ALA A 34 17.75 -0.80 5.96
N VAL A 35 16.50 -1.15 6.05
CA VAL A 35 15.68 -0.73 7.20
C VAL A 35 16.29 -1.35 8.45
N GLU A 36 16.77 -2.58 8.39
CA GLU A 36 17.26 -3.29 9.58
C GLU A 36 18.59 -2.69 10.05
N LYS A 37 19.22 -1.81 9.31
CA LYS A 37 20.39 -1.09 9.87
C LYS A 37 19.97 -0.21 11.04
N GLY A 38 18.69 0.17 11.13
CA GLY A 38 18.20 0.85 12.34
C GLY A 38 18.15 2.36 12.15
N GLU A 39 18.64 2.94 11.08
CA GLU A 39 18.59 4.38 10.82
C GLU A 39 17.22 4.70 10.19
N GLU A 40 16.69 5.88 10.42
CA GLU A 40 15.50 6.35 9.72
C GLU A 40 15.76 6.35 8.20
N LEU A 41 14.71 6.31 7.39
CA LEU A 41 14.79 6.31 5.90
C LEU A 41 14.51 7.72 5.40
N SER A 42 15.22 8.16 4.41
CA SER A 42 14.92 9.40 3.69
C SER A 42 13.67 9.25 2.84
N CSO A 43 13.18 10.34 2.24
CA CSO A 43 12.07 10.24 1.37
CB CSO A 43 11.76 11.67 0.93
SG CSO A 43 10.26 11.78 -0.09
C CSO A 43 12.29 9.26 0.24
O CSO A 43 11.43 8.45 -0.09
OD CSO A 43 10.72 11.45 -1.64
N GLU A 44 13.40 9.37 -0.47
CA GLU A 44 13.68 8.54 -1.62
C GLU A 44 13.80 7.07 -1.13
N GLU A 45 14.36 6.84 0.03
CA GLU A 45 14.53 5.44 0.53
C GLU A 45 13.13 4.90 0.89
N ARG A 46 12.25 5.70 1.46
CA ARG A 46 10.87 5.24 1.74
C ARG A 46 10.24 4.84 0.43
N ASN A 47 10.38 5.62 -0.64
N ASN A 47 10.44 5.64 -0.59
CA ASN A 47 9.81 5.28 -1.96
CA ASN A 47 9.86 5.30 -1.89
C ASN A 47 10.41 3.95 -2.50
C ASN A 47 10.39 3.95 -2.35
N LEU A 48 11.70 3.70 -2.28
CA LEU A 48 12.27 2.43 -2.73
C LEU A 48 11.64 1.28 -1.95
N LEU A 49 11.45 1.44 -0.65
CA LEU A 49 10.83 0.38 0.16
C LEU A 49 9.44 0.08 -0.36
N SER A 50 8.66 1.14 -0.61
CA SER A 50 7.27 0.97 -1.07
C SER A 50 7.24 0.41 -2.47
N VAL A 51 8.03 0.83 -3.38
CA VAL A 51 8.01 0.26 -4.77
C VAL A 51 8.33 -1.23 -4.68
N ALA A 52 9.31 -1.61 -3.88
CA ALA A 52 9.78 -3.00 -3.86
C ALA A 52 8.65 -3.87 -3.38
N TYR A 53 8.10 -3.59 -2.20
CA TYR A 53 7.07 -4.47 -1.60
C TYR A 53 5.77 -4.35 -2.36
N LYS A 54 5.41 -3.22 -2.95
CA LYS A 54 4.13 -3.12 -3.67
C LYS A 54 4.21 -4.03 -4.88
N ASN A 55 5.34 -4.07 -5.54
CA ASN A 55 5.49 -4.95 -6.71
C ASN A 55 5.52 -6.41 -6.29
N VAL A 56 6.14 -6.77 -5.20
CA VAL A 56 6.15 -8.18 -4.77
C VAL A 56 4.72 -8.58 -4.41
N VAL A 57 4.04 -7.86 -3.52
N VAL A 57 4.07 -7.82 -3.55
CA VAL A 57 2.67 -8.29 -3.10
CA VAL A 57 2.73 -8.22 -3.06
C VAL A 57 1.73 -8.12 -4.28
C VAL A 57 1.75 -8.09 -4.23
N GLY A 58 2.00 -7.19 -5.18
CA GLY A 58 1.12 -7.03 -6.35
C GLY A 58 1.10 -8.30 -7.17
N GLY A 59 2.22 -8.93 -7.40
CA GLY A 59 2.25 -10.20 -8.12
C GLY A 59 1.52 -11.26 -7.36
N GLN A 60 1.70 -11.33 -6.05
CA GLN A 60 1.02 -12.34 -5.21
C GLN A 60 -0.48 -12.13 -5.25
N ARG A 61 -0.95 -10.90 -5.14
CA ARG A 61 -2.39 -10.61 -5.10
C ARG A 61 -2.99 -11.01 -6.44
N ALA A 62 -2.32 -10.68 -7.53
CA ALA A 62 -2.85 -10.99 -8.88
C ALA A 62 -2.95 -12.51 -8.96
N ALA A 63 -1.94 -13.25 -8.55
CA ALA A 63 -1.93 -14.72 -8.62
C ALA A 63 -3.04 -15.28 -7.75
N TRP A 64 -3.16 -14.79 -6.52
CA TRP A 64 -4.22 -15.21 -5.59
C TRP A 64 -5.59 -15.01 -6.23
N ARG A 65 -5.83 -13.88 -6.88
CA ARG A 65 -7.16 -13.66 -7.46
C ARG A 65 -7.43 -14.64 -8.60
N VAL A 66 -6.45 -15.00 -9.38
CA VAL A 66 -6.67 -15.98 -10.49
C VAL A 66 -7.02 -17.30 -9.83
N LEU A 67 -6.27 -17.70 -8.84
CA LEU A 67 -6.49 -19.00 -8.17
C LEU A 67 -7.80 -19.05 -7.40
N SER A 68 -8.14 -17.99 -6.67
N SER A 68 -8.16 -17.99 -6.71
CA SER A 68 -9.43 -17.91 -5.95
CA SER A 68 -9.45 -17.91 -6.00
C SER A 68 -10.59 -18.00 -6.96
C SER A 68 -10.60 -18.06 -7.00
N SER A 69 -10.50 -17.39 -8.14
CA SER A 69 -11.55 -17.44 -9.18
C SER A 69 -11.73 -18.89 -9.63
N ILE A 70 -10.62 -19.59 -9.89
CA ILE A 70 -10.67 -21.00 -10.37
C ILE A 70 -11.30 -21.86 -9.28
N GLU A 71 -10.98 -21.59 -8.03
CA GLU A 71 -11.42 -22.37 -6.87
C GLU A 71 -12.93 -22.15 -6.73
N GLN A 72 -13.38 -20.91 -6.87
CA GLN A 72 -14.82 -20.57 -6.69
C GLN A 72 -15.59 -21.27 -7.79
N LYS A 73 -15.09 -21.27 -9.03
CA LYS A 73 -15.69 -21.97 -10.20
C LYS A 73 -15.77 -23.48 -9.96
N SER A 74 -14.76 -24.08 -9.32
N SER A 74 -14.78 -24.08 -9.29
CA SER A 74 -14.71 -25.53 -8.97
CA SER A 74 -14.72 -25.54 -9.00
C SER A 74 -15.84 -25.89 -8.00
C SER A 74 -15.67 -25.92 -7.85
N ASN A 75 -16.28 -24.95 -7.17
CA ASN A 75 -17.19 -25.21 -6.01
C ASN A 75 -18.61 -24.75 -6.30
N GLU A 76 -19.04 -24.72 -7.57
CA GLU A 76 -20.36 -24.19 -7.98
C GLU A 76 -21.33 -25.34 -8.27
N GLU A 80 -17.40 -30.45 -11.70
CA GLU A 80 -16.64 -31.74 -11.70
C GLU A 80 -15.53 -31.67 -10.63
N GLU A 81 -15.54 -32.60 -9.66
CA GLU A 81 -14.52 -32.70 -8.57
C GLU A 81 -13.13 -32.96 -9.17
N LYS A 82 -12.14 -32.13 -8.82
CA LYS A 82 -10.76 -32.21 -9.38
C LYS A 82 -9.74 -32.39 -8.25
N GLY A 83 -10.21 -32.62 -7.03
CA GLY A 83 -9.33 -32.90 -5.88
C GLY A 83 -8.91 -31.64 -5.12
N PRO A 84 -7.94 -31.79 -4.22
CA PRO A 84 -7.53 -30.71 -3.32
C PRO A 84 -6.55 -29.71 -3.94
N GLU A 85 -6.10 -29.91 -5.15
CA GLU A 85 -4.92 -29.19 -5.68
C GLU A 85 -5.21 -27.71 -5.85
N VAL A 86 -6.36 -27.28 -6.34
CA VAL A 86 -6.62 -25.83 -6.51
C VAL A 86 -6.59 -25.18 -5.13
N ARG A 87 -7.29 -25.72 -4.14
CA ARG A 87 -7.29 -25.17 -2.78
C ARG A 87 -5.88 -25.16 -2.23
N GLU A 88 -5.11 -26.24 -2.37
CA GLU A 88 -3.76 -26.32 -1.82
C GLU A 88 -2.92 -25.20 -2.42
N TYR A 89 -2.96 -25.05 -3.73
CA TYR A 89 -2.04 -24.08 -4.35
C TYR A 89 -2.53 -22.65 -4.03
N ARG A 90 -3.84 -22.38 -4.00
CA ARG A 90 -4.33 -21.05 -3.56
C ARG A 90 -3.85 -20.83 -2.14
N GLU A 91 -3.85 -21.80 -1.27
CA GLU A 91 -3.40 -21.68 0.11
C GLU A 91 -1.92 -21.40 0.14
N LYS A 92 -1.13 -22.03 -0.72
CA LYS A 92 0.33 -21.77 -0.77
C LYS A 92 0.59 -20.31 -1.10
N VAL A 93 0.00 -19.84 -2.15
CA VAL A 93 0.20 -18.44 -2.59
C VAL A 93 -0.33 -17.52 -1.48
N GLU A 94 -1.46 -17.80 -0.88
CA GLU A 94 -2.01 -17.01 0.23
C GLU A 94 -1.03 -16.93 1.36
N THR A 95 -0.41 -18.02 1.76
CA THR A 95 0.48 -18.05 2.92
C THR A 95 1.70 -17.19 2.58
N GLU A 96 2.22 -17.29 1.37
N GLU A 96 2.20 -17.27 1.35
CA GLU A 96 3.39 -16.46 0.99
CA GLU A 96 3.37 -16.49 0.89
C GLU A 96 2.99 -14.98 1.00
C GLU A 96 3.04 -14.99 0.88
N LEU A 97 1.83 -14.64 0.44
CA LEU A 97 1.34 -13.23 0.49
C LEU A 97 1.24 -12.79 1.95
N GLN A 98 0.67 -13.54 2.83
CA GLN A 98 0.52 -13.20 4.25
C GLN A 98 1.90 -12.99 4.81
N GLY A 99 2.85 -13.83 4.43
CA GLY A 99 4.21 -13.68 4.96
C GLY A 99 4.86 -12.39 4.53
N VAL A 100 4.68 -11.97 3.30
CA VAL A 100 5.24 -10.67 2.84
C VAL A 100 4.54 -9.55 3.58
N CYS A 101 3.23 -9.59 3.76
CA CYS A 101 2.53 -8.56 4.52
C CYS A 101 3.03 -8.53 5.95
N ASP A 102 3.25 -9.65 6.61
CA ASP A 102 3.74 -9.69 8.00
C ASP A 102 5.13 -9.12 8.05
N THR A 103 5.96 -9.38 7.03
CA THR A 103 7.33 -8.82 7.02
C THR A 103 7.26 -7.29 6.98
N VAL A 104 6.48 -6.74 6.08
CA VAL A 104 6.37 -5.26 5.98
C VAL A 104 5.80 -4.72 7.27
N LEU A 105 4.74 -5.30 7.83
CA LEU A 105 4.19 -4.83 9.10
C LEU A 105 5.21 -4.88 10.19
N GLY A 106 6.04 -5.91 10.15
CA GLY A 106 7.05 -6.05 11.23
C GLY A 106 8.11 -4.97 11.10
N LEU A 107 8.50 -4.59 9.91
CA LEU A 107 9.44 -3.46 9.72
C LEU A 107 8.82 -2.16 10.24
N LEU A 108 7.54 -1.97 9.96
CA LEU A 108 6.87 -0.74 10.41
C LEU A 108 6.80 -0.74 11.94
N ASP A 109 6.53 -1.87 12.54
CA ASP A 109 6.37 -1.92 14.00
C ASP A 109 7.73 -1.98 14.69
N SER A 110 8.79 -2.35 14.01
CA SER A 110 10.13 -2.53 14.62
C SER A 110 11.16 -1.97 13.68
N HIS A 111 11.34 -0.66 13.58
CA HIS A 111 10.82 0.39 14.46
C HIS A 111 10.47 1.66 13.67
N LEU A 112 10.07 1.49 12.40
CA LEU A 112 9.95 2.65 11.52
C LEU A 112 8.90 3.66 12.02
N ILE A 113 7.74 3.20 12.43
CA ILE A 113 6.67 4.16 12.81
C ILE A 113 7.11 4.90 14.08
N LYS A 114 7.61 4.20 15.09
CA LYS A 114 7.83 4.89 16.38
C LYS A 114 8.94 5.91 16.21
N GLU A 115 9.86 5.77 15.28
N GLU A 115 9.86 5.76 15.28
CA GLU A 115 10.96 6.76 15.12
CA GLU A 115 10.97 6.72 15.12
C GLU A 115 10.68 7.79 14.02
C GLU A 115 10.50 7.93 14.28
N ALA A 116 9.42 7.75 13.51
CA ALA A 116 8.94 8.74 12.51
C ALA A 116 8.15 9.91 13.17
N GLY A 117 8.78 11.05 13.31
CA GLY A 117 8.17 12.21 14.00
C GLY A 117 7.69 13.23 13.01
N ASP A 118 8.27 13.27 11.80
N ASP A 118 8.27 13.31 11.82
CA ASP A 118 7.81 14.27 10.81
CA ASP A 118 7.77 14.40 10.98
C ASP A 118 6.52 13.80 10.15
C ASP A 118 6.57 13.84 10.21
N ALA A 119 5.63 14.70 9.81
CA ALA A 119 4.36 14.26 9.22
C ALA A 119 4.59 13.45 7.96
N GLU A 120 5.57 13.78 7.13
N GLU A 120 5.48 13.84 7.06
CA GLU A 120 5.75 13.15 5.79
CA GLU A 120 5.62 13.12 5.78
C GLU A 120 6.24 11.71 5.96
C GLU A 120 5.94 11.67 6.16
N SER A 121 6.98 11.43 7.03
N SER A 121 6.93 11.47 7.03
CA SER A 121 7.38 10.03 7.26
CA SER A 121 7.47 10.12 7.32
C SER A 121 6.26 9.30 7.99
C SER A 121 6.38 9.31 8.02
N ARG A 122 5.76 9.88 9.05
CA ARG A 122 4.77 9.20 9.89
C ARG A 122 3.53 8.82 9.09
N VAL A 123 3.01 9.76 8.31
CA VAL A 123 1.81 9.50 7.45
C VAL A 123 2.15 8.41 6.43
N PHE A 124 3.32 8.49 5.79
CA PHE A 124 3.69 7.46 4.79
C PHE A 124 3.68 6.08 5.45
N TYR A 125 4.25 5.93 6.64
CA TYR A 125 4.36 4.60 7.27
C TYR A 125 3.01 4.12 7.73
N LEU A 126 2.18 5.00 8.26
CA LEU A 126 0.86 4.61 8.74
C LEU A 126 -0.02 4.23 7.54
N LYS A 127 0.07 4.95 6.41
CA LYS A 127 -0.60 4.53 5.17
C LYS A 127 -0.13 3.13 4.81
N MET A 128 1.17 2.89 4.81
CA MET A 128 1.67 1.55 4.46
C MET A 128 1.11 0.49 5.41
N LYS A 129 1.01 0.81 6.68
CA LYS A 129 0.41 -0.12 7.66
C LYS A 129 -1.03 -0.43 7.26
N GLY A 130 -1.80 0.61 6.94
CA GLY A 130 -3.17 0.37 6.47
C GLY A 130 -3.21 -0.47 5.20
N ASP A 131 -2.34 -0.20 4.25
CA ASP A 131 -2.32 -0.93 2.96
C ASP A 131 -2.02 -2.42 3.17
N TYR A 132 -1.07 -2.74 4.02
CA TYR A 132 -0.67 -4.16 4.16
C TYR A 132 -1.70 -4.86 5.04
N TYR A 133 -2.35 -4.24 6.03
CA TYR A 133 -3.54 -4.85 6.64
C TYR A 133 -4.66 -5.03 5.64
N ARG A 134 -4.83 -4.08 4.73
CA ARG A 134 -5.85 -4.21 3.68
C ARG A 134 -5.56 -5.45 2.85
N TYR A 135 -4.32 -5.65 2.43
CA TYR A 135 -3.97 -6.84 1.63
C TYR A 135 -4.22 -8.09 2.45
N LEU A 136 -3.91 -8.11 3.74
CA LEU A 136 -4.31 -9.25 4.61
C LEU A 136 -5.83 -9.43 4.58
N ALA A 137 -6.59 -8.34 4.61
CA ALA A 137 -8.07 -8.42 4.71
C ALA A 137 -8.64 -8.98 3.43
N GLU A 138 -8.01 -8.78 2.30
CA GLU A 138 -8.48 -9.27 1.01
C GLU A 138 -8.56 -10.79 1.07
N VAL A 139 -7.70 -11.46 1.83
CA VAL A 139 -7.65 -12.96 1.79
C VAL A 139 -8.20 -13.53 3.08
N ALA A 140 -8.63 -12.71 4.02
CA ALA A 140 -9.05 -13.16 5.36
C ALA A 140 -10.49 -13.68 5.36
N THR A 141 -10.70 -14.80 6.07
CA THR A 141 -12.02 -15.50 6.16
C THR A 141 -12.33 -16.01 7.58
N GLY A 142 -11.38 -15.97 8.53
CA GLY A 142 -11.39 -16.78 9.77
C GLY A 142 -11.79 -16.03 11.04
N ASP A 144 -10.52 -13.75 12.80
CA ASP A 144 -9.67 -12.53 12.90
C ASP A 144 -9.89 -11.59 11.70
N LYS A 145 -10.78 -11.88 10.76
CA LYS A 145 -11.08 -10.99 9.61
C LYS A 145 -11.48 -9.61 10.15
N LYS A 146 -12.36 -9.61 11.15
CA LYS A 146 -12.83 -8.31 11.69
C LYS A 146 -11.66 -7.58 12.27
N ARG A 147 -10.76 -8.22 13.01
CA ARG A 147 -9.68 -7.51 13.72
C ARG A 147 -8.70 -7.03 12.63
N ILE A 148 -8.54 -7.75 11.51
CA ILE A 148 -7.58 -7.29 10.47
C ILE A 148 -8.16 -6.03 9.84
N ILE A 149 -9.44 -6.01 9.55
CA ILE A 149 -10.12 -4.84 8.98
C ILE A 149 -9.99 -3.70 9.96
N ASP A 150 -10.20 -3.91 11.25
CA ASP A 150 -10.10 -2.78 12.19
C ASP A 150 -8.66 -2.24 12.25
N SER A 151 -7.68 -3.13 12.16
CA SER A 151 -6.26 -2.71 12.17
C SER A 151 -5.99 -1.83 10.92
N ALA A 152 -6.49 -2.22 9.77
CA ALA A 152 -6.32 -1.35 8.57
C ALA A 152 -6.97 0.00 8.80
N ARG A 153 -8.20 -0.03 9.27
N ARG A 153 -8.20 -0.03 9.27
CA ARG A 153 -8.97 1.23 9.47
CA ARG A 153 -8.98 1.21 9.47
C ARG A 153 -8.25 2.15 10.46
C ARG A 153 -8.25 2.13 10.45
N SER A 154 -7.75 1.60 11.56
CA SER A 154 -7.12 2.37 12.63
C SER A 154 -5.86 3.03 12.09
N ALA A 155 -5.05 2.31 11.32
CA ALA A 155 -3.81 2.90 10.75
C ALA A 155 -4.16 4.02 9.75
N TYR A 156 -5.10 3.73 8.85
CA TYR A 156 -5.53 4.77 7.86
C TYR A 156 -6.08 6.00 8.60
N GLN A 157 -6.85 5.77 9.66
CA GLN A 157 -7.50 6.91 10.36
C GLN A 157 -6.43 7.77 11.01
N GLU A 158 -5.45 7.17 11.65
CA GLU A 158 -4.39 7.96 12.32
C GLU A 158 -3.60 8.72 11.26
N ALA A 159 -3.32 8.10 10.10
CA ALA A 159 -2.61 8.79 9.00
C ALA A 159 -3.46 9.96 8.51
N MET A 160 -4.76 9.75 8.38
CA MET A 160 -5.68 10.80 7.88
C MET A 160 -5.67 11.95 8.89
N ASP A 161 -5.71 11.66 10.16
CA ASP A 161 -5.85 12.74 11.16
C ASP A 161 -4.57 13.57 11.08
N ILE A 162 -3.40 12.98 11.01
CA ILE A 162 -2.13 13.74 10.94
C ILE A 162 -2.10 14.50 9.63
N SER A 163 -2.47 13.89 8.53
CA SER A 163 -2.37 14.51 7.18
C SER A 163 -3.25 15.76 7.13
N LYS A 164 -4.43 15.69 7.70
CA LYS A 164 -5.35 16.87 7.61
C LYS A 164 -4.79 18.00 8.45
N LYS A 165 -4.13 17.74 9.56
CA LYS A 165 -3.54 18.77 10.45
C LYS A 165 -2.27 19.36 9.85
N GLU A 166 -1.43 18.54 9.22
CA GLU A 166 -0.04 18.89 8.92
C GLU A 166 0.29 19.10 7.46
N MET A 167 -0.56 18.70 6.52
CA MET A 167 -0.23 18.74 5.10
C MET A 167 -1.30 19.49 4.35
N PRO A 168 -0.92 20.18 3.25
CA PRO A 168 -1.93 20.79 2.40
C PRO A 168 -2.74 19.74 1.67
N PRO A 169 -3.93 20.12 1.20
CA PRO A 169 -4.83 19.17 0.54
C PRO A 169 -4.30 18.60 -0.78
N THR A 170 -3.27 19.22 -1.34
CA THR A 170 -2.66 18.75 -2.60
C THR A 170 -1.46 17.82 -2.33
N ASN A 171 -1.02 17.72 -1.09
CA ASN A 171 0.21 16.94 -0.82
C ASN A 171 0.01 15.53 -1.38
N PRO A 172 0.93 15.01 -2.25
CA PRO A 172 0.73 13.72 -2.86
C PRO A 172 0.58 12.55 -1.87
N ILE A 173 1.27 12.65 -0.74
CA ILE A 173 1.09 11.57 0.29
C ILE A 173 -0.32 11.60 0.83
N ARG A 174 -0.82 12.79 1.15
CA ARG A 174 -2.19 12.95 1.67
C ARG A 174 -3.19 12.50 0.62
N LEU A 175 -2.97 12.81 -0.64
CA LEU A 175 -3.86 12.37 -1.71
C LEU A 175 -3.86 10.86 -1.84
N GLY A 176 -2.65 10.26 -1.88
CA GLY A 176 -2.60 8.79 -2.07
C GLY A 176 -3.15 8.04 -0.86
N LEU A 177 -2.96 8.57 0.31
CA LEU A 177 -3.61 8.02 1.51
C LEU A 177 -5.12 8.02 1.36
N ALA A 178 -5.69 9.15 0.99
CA ALA A 178 -7.16 9.26 0.88
C ALA A 178 -7.67 8.35 -0.21
N LEU A 179 -6.93 8.27 -1.32
CA LEU A 179 -7.30 7.34 -2.42
C LEU A 179 -7.38 5.91 -1.86
N ASN A 180 -6.35 5.47 -1.15
CA ASN A 180 -6.30 4.06 -0.70
C ASN A 180 -7.30 3.82 0.43
N PHE A 181 -7.54 4.82 1.31
CA PHE A 181 -8.56 4.67 2.37
C PHE A 181 -9.92 4.57 1.72
N SER A 182 -10.18 5.29 0.60
N SER A 182 -10.11 5.33 0.64
CA SER A 182 -11.49 5.19 -0.09
CA SER A 182 -11.38 5.28 -0.11
C SER A 182 -11.63 3.81 -0.70
C SER A 182 -11.59 3.86 -0.61
N VAL A 183 -10.55 3.27 -1.24
CA VAL A 183 -10.64 1.85 -1.73
C VAL A 183 -10.91 0.87 -0.59
N PHE A 184 -10.25 1.05 0.55
CA PHE A 184 -10.55 0.29 1.77
C PHE A 184 -12.05 0.36 2.02
N HIS A 185 -12.61 1.56 2.08
CA HIS A 185 -14.04 1.68 2.46
C HIS A 185 -14.89 0.97 1.42
N TYR A 186 -14.59 1.10 0.13
CA TYR A 186 -15.44 0.52 -0.91
C TYR A 186 -15.31 -1.01 -0.92
N GLU A 187 -14.10 -1.52 -0.95
CA GLU A 187 -13.83 -2.95 -1.29
C GLU A 187 -13.80 -3.79 -0.02
N ILE A 188 -13.36 -3.26 1.12
CA ILE A 188 -13.10 -4.09 2.33
C ILE A 188 -14.16 -3.88 3.38
N ALA A 189 -14.55 -2.62 3.64
CA ALA A 189 -15.41 -2.25 4.77
C ALA A 189 -16.87 -2.24 4.32
N ASN A 190 -17.18 -2.54 3.07
CA ASN A 190 -18.58 -2.52 2.58
C ASN A 190 -19.22 -1.16 2.90
N SER A 191 -18.50 -0.06 2.71
CA SER A 191 -18.96 1.33 2.97
C SER A 191 -18.84 2.12 1.68
N PRO A 192 -19.49 1.76 0.56
CA PRO A 192 -19.32 2.51 -0.69
C PRO A 192 -19.64 4.00 -0.54
N GLU A 193 -20.61 4.38 0.26
CA GLU A 193 -20.95 5.82 0.38
C GLU A 193 -19.82 6.55 1.07
N GLU A 194 -19.13 6.00 2.06
CA GLU A 194 -17.98 6.62 2.75
C GLU A 194 -16.87 6.75 1.68
N ALA A 195 -16.67 5.72 0.90
CA ALA A 195 -15.64 5.71 -0.19
C ALA A 195 -15.87 6.89 -1.13
N ILE A 196 -17.10 7.03 -1.60
CA ILE A 196 -17.47 8.09 -2.58
C ILE A 196 -17.36 9.45 -1.91
N SER A 197 -17.78 9.62 -0.70
CA SER A 197 -17.69 10.91 0.01
CA SER A 197 -17.70 10.92 0.03
C SER A 197 -16.22 11.29 0.18
N LEU A 198 -15.41 10.36 0.66
CA LEU A 198 -13.99 10.70 0.88
C LEU A 198 -13.32 11.00 -0.45
N ALA A 199 -13.58 10.29 -1.50
CA ALA A 199 -12.92 10.61 -2.79
C ALA A 199 -13.37 11.99 -3.30
N LYS A 200 -14.63 12.30 -3.18
CA LYS A 200 -15.16 13.60 -3.70
C LYS A 200 -14.60 14.76 -2.87
N THR A 201 -14.63 14.68 -1.56
CA THR A 201 -14.11 15.75 -0.70
C THR A 201 -12.61 15.93 -0.95
N THR A 202 -11.88 14.83 -1.05
CA THR A 202 -10.42 14.92 -1.29
C THR A 202 -10.21 15.61 -2.64
N PHE A 203 -10.89 15.18 -3.67
CA PHE A 203 -10.68 15.77 -5.02
C PHE A 203 -10.97 17.26 -4.99
N ASP A 204 -12.08 17.63 -4.40
CA ASP A 204 -12.55 19.04 -4.44
C ASP A 204 -11.60 19.90 -3.61
N GLU A 205 -11.13 19.46 -2.48
CA GLU A 205 -10.28 20.28 -1.63
C GLU A 205 -8.92 20.40 -2.33
N ALA A 206 -8.47 19.37 -2.99
CA ALA A 206 -7.22 19.47 -3.73
C ALA A 206 -7.38 20.47 -4.90
N MET A 207 -8.44 20.36 -5.68
N MET A 207 -8.43 20.33 -5.72
CA MET A 207 -8.63 21.24 -6.84
CA MET A 207 -8.76 21.27 -6.83
C MET A 207 -8.54 22.71 -6.40
C MET A 207 -8.51 22.70 -6.36
N ALA A 208 -9.07 23.05 -5.22
CA ALA A 208 -9.08 24.43 -4.74
C ALA A 208 -7.73 24.89 -4.24
N ASP A 209 -6.75 23.97 -4.10
CA ASP A 209 -5.40 24.36 -3.65
C ASP A 209 -4.37 24.22 -4.80
N LEU A 210 -4.75 23.81 -5.99
CA LEU A 210 -3.81 23.65 -7.12
C LEU A 210 -3.14 24.99 -7.42
N HIS A 211 -3.83 26.10 -7.24
CA HIS A 211 -3.32 27.45 -7.64
C HIS A 211 -2.03 27.74 -6.89
N THR A 212 -1.77 27.07 -5.77
CA THR A 212 -0.60 27.38 -4.90
C THR A 212 0.66 26.68 -5.43
N LEU A 213 0.56 25.78 -6.39
CA LEU A 213 1.62 24.84 -6.76
C LEU A 213 2.45 25.31 -7.93
N SER A 214 3.71 24.91 -7.92
CA SER A 214 4.56 24.93 -9.10
C SER A 214 4.05 24.00 -10.18
N GLU A 215 4.56 24.10 -11.39
CA GLU A 215 4.15 23.21 -12.51
C GLU A 215 4.48 21.75 -12.11
N ASP A 216 5.63 21.49 -11.48
CA ASP A 216 6.00 20.09 -11.18
C ASP A 216 5.12 19.53 -10.05
N SER A 217 4.83 20.32 -9.04
CA SER A 217 3.93 19.92 -7.93
C SER A 217 2.52 19.71 -8.47
N TYR A 218 2.11 20.56 -9.38
CA TYR A 218 0.79 20.46 -10.02
C TYR A 218 0.66 19.14 -10.73
N LYS A 219 1.71 18.74 -11.46
CA LYS A 219 1.68 17.46 -12.19
C LYS A 219 1.58 16.28 -11.19
N ASP A 220 2.34 16.34 -10.10
CA ASP A 220 2.33 15.25 -9.09
C ASP A 220 0.90 15.14 -8.53
N SER A 221 0.29 16.26 -8.11
CA SER A 221 -1.03 16.22 -7.45
C SER A 221 -2.13 15.80 -8.42
N THR A 222 -2.12 16.36 -9.63
CA THR A 222 -3.19 16.06 -10.59
C THR A 222 -3.12 14.60 -11.03
N LEU A 223 -1.94 14.01 -11.08
CA LEU A 223 -1.88 12.57 -11.45
C LEU A 223 -2.73 11.76 -10.46
N ILE A 224 -2.59 12.03 -9.19
CA ILE A 224 -3.35 11.25 -8.16
C ILE A 224 -4.81 11.64 -8.14
N MET A 225 -5.10 12.92 -8.38
CA MET A 225 -6.51 13.33 -8.47
C MET A 225 -7.23 12.60 -9.59
N GLN A 226 -6.52 12.31 -10.68
CA GLN A 226 -7.17 11.58 -11.77
C GLN A 226 -7.57 10.19 -11.31
N LEU A 227 -6.79 9.53 -10.46
CA LEU A 227 -7.20 8.20 -9.91
C LEU A 227 -8.45 8.35 -9.05
N LEU A 228 -8.57 9.41 -8.24
CA LEU A 228 -9.78 9.64 -7.47
C LEU A 228 -10.95 9.76 -8.44
N ARG A 229 -10.77 10.56 -9.48
CA ARG A 229 -11.86 10.81 -10.47
C ARG A 229 -12.20 9.48 -11.16
N ASP A 230 -11.22 8.67 -11.51
CA ASP A 230 -11.50 7.40 -12.20
C ASP A 230 -12.34 6.51 -11.29
N ASN A 231 -12.05 6.48 -10.00
CA ASN A 231 -12.84 5.62 -9.09
C ASN A 231 -14.23 6.23 -8.96
N LEU A 232 -14.38 7.53 -8.78
CA LEU A 232 -15.72 8.11 -8.67
C LEU A 232 -16.53 7.81 -9.95
N THR A 233 -15.91 7.79 -11.12
CA THR A 233 -16.60 7.43 -12.40
C THR A 233 -17.08 5.97 -12.36
N LEU A 234 -16.22 5.09 -11.85
CA LEU A 234 -16.55 3.65 -11.68
C LEU A 234 -17.69 3.51 -10.68
N TRP A 235 -17.73 4.29 -9.61
CA TRP A 235 -18.61 4.06 -8.42
C TRP A 235 -19.95 4.77 -8.54
N THR A 236 -20.09 5.74 -9.43
CA THR A 236 -21.31 6.58 -9.53
C THR A 236 -21.78 6.56 -10.98
N MET B 2 -13.70 -2.74 -13.24
CA MET B 2 -14.42 -3.52 -12.16
C MET B 2 -13.77 -3.25 -10.79
N ARG B 3 -12.48 -3.57 -10.61
CA ARG B 3 -11.69 -3.23 -9.39
C ARG B 3 -11.31 -1.76 -9.47
N PRO B 4 -11.33 -1.03 -8.34
CA PRO B 4 -10.94 0.38 -8.35
C PRO B 4 -9.41 0.54 -8.32
N ARG B 5 -8.94 1.73 -8.67
CA ARG B 5 -7.51 2.07 -8.71
C ARG B 5 -7.08 2.46 -7.31
N SEP B 6 -6.10 1.75 -6.75
CA SEP B 6 -5.34 2.27 -5.63
CB SEP B 6 -5.09 1.17 -4.63
OG SEP B 6 -4.20 0.21 -5.22
C SEP B 6 -4.08 2.98 -6.12
O SEP B 6 -3.81 3.01 -7.35
P SEP B 6 -3.83 -1.12 -4.39
O1P SEP B 6 -5.06 -1.86 -4.13
O2P SEP B 6 -2.86 -1.80 -5.37
O3P SEP B 6 -3.16 -0.69 -3.14
N LEU B 7 -3.33 3.59 -5.22
N LEU B 7 -3.29 3.59 -5.24
CA LEU B 7 -2.15 4.35 -5.60
CA LEU B 7 -2.14 4.42 -5.61
C LEU B 7 -1.24 3.42 -6.43
C LEU B 7 -1.08 3.56 -6.30
N GLU B 8 -0.73 3.92 -7.54
CA GLU B 8 0.11 3.10 -8.46
C GLU B 8 1.54 3.57 -8.29
N VAL B 9 2.44 2.69 -7.84
CA VAL B 9 3.75 3.09 -7.23
C VAL B 9 4.87 2.95 -8.26
N THR B 10 5.68 4.00 -8.48
CA THR B 10 6.74 4.08 -9.53
C THR B 10 8.10 4.42 -8.91
C4 463 C . 2.36 9.34 -3.84
C5 463 C . 1.59 9.02 -2.74
C6 463 C . 1.91 7.86 -2.01
N1 463 C . 0.36 8.56 -0.28
C7 463 C . 1.08 7.44 -0.83
C8 463 C . 2.99 7.07 -2.38
O 463 C . 4.66 4.77 -2.47
C1 463 C . 5.27 5.39 -3.37
C 463 C . 6.47 4.78 -4.03
N 463 C . 4.88 6.61 -3.85
C2 463 C . 3.77 7.41 -3.48
C3 463 C . 3.44 8.56 -4.20
C8 PE5 D . 8.04 10.11 -5.16
O5 PE5 D . 7.23 10.76 -4.19
C9 PE5 D . 5.85 10.77 -4.56
C10 PE5 D . 5.32 12.19 -4.61
O6 PE5 D . 4.79 12.52 -5.90
C11 PE5 D . 3.80 11.62 -6.44
C12 PE5 D . 2.89 12.40 -7.42
O7 PE5 D . 2.19 11.67 -8.43
C13 PE5 D . 1.82 10.33 -8.05
C14 PE5 D . 3.01 9.40 -8.08
O8 PE5 D . 2.59 8.09 -8.46
C15 PE5 D . 3.71 7.26 -8.79
C16 PE5 D . 4.19 7.55 -10.19
MG MG E . -26.41 6.88 -1.78
CA CA F . 28.28 0.72 7.84
#